data_8SVZ
#
_entry.id   8SVZ
#
_cell.length_a   134.708
_cell.length_b   134.708
_cell.length_c   123.118
_cell.angle_alpha   90.000
_cell.angle_beta   90.000
_cell.angle_gamma   120.000
#
_symmetry.space_group_name_H-M   'P 62 2 2'
#
loop_
_entity.id
_entity.type
_entity.pdbx_description
1 polymer 'Two-component response regulator'
2 non-polymer 'BERYLLIUM TRIFLUORIDE ION'
3 non-polymer 'MAGNESIUM ION'
4 water water
#
_entity_poly.entity_id   1
_entity_poly.type   'polypeptide(L)'
_entity_poly.pdbx_seq_one_letter_code
;GSHMIRKILIVEDEPQIKKLLEKTFLVLGYDVEIVATAGNATKLLGEYQPDVVILDLGLPDQDGQEWLKSARSHSEIPII
VVSARNDTEEVVKALDNGANDYIKKPFDMPELIARVKRQLNPLLKKQTE
;
_entity_poly.pdbx_strand_id   A,B
#
loop_
_chem_comp.id
_chem_comp.type
_chem_comp.name
_chem_comp.formula
BEF non-polymer 'BERYLLIUM TRIFLUORIDE ION' 'Be F3 -1'
MG non-polymer 'MAGNESIUM ION' 'Mg 2'
#
# COMPACT_ATOMS: atom_id res chain seq x y z
N MET A 4 -4.87 -4.23 -11.25
CA MET A 4 -4.43 -5.16 -10.17
C MET A 4 -4.39 -4.43 -8.84
N ILE A 5 -3.61 -3.36 -8.79
CA ILE A 5 -3.50 -2.54 -7.58
C ILE A 5 -4.76 -1.71 -7.40
N ARG A 6 -5.32 -1.75 -6.19
CA ARG A 6 -6.57 -1.06 -5.87
C ARG A 6 -6.25 0.17 -5.03
N LYS A 7 -6.72 1.34 -5.47
CA LYS A 7 -6.53 2.60 -4.76
C LYS A 7 -7.69 2.91 -3.82
N ILE A 8 -7.37 3.53 -2.69
CA ILE A 8 -8.35 3.95 -1.70
C ILE A 8 -7.96 5.32 -1.16
N LEU A 9 -8.95 6.20 -1.01
CA LEU A 9 -8.78 7.53 -0.45
C LEU A 9 -9.49 7.60 0.90
N ILE A 10 -8.75 7.96 1.96
CA ILE A 10 -9.27 8.09 3.31
C ILE A 10 -9.34 9.58 3.65
N VAL A 11 -10.50 10.01 4.12
CA VAL A 11 -10.75 11.41 4.48
C VAL A 11 -11.07 11.42 5.98
N GLU A 12 -10.06 11.68 6.80
CA GLU A 12 -10.19 11.62 8.25
C GLU A 12 -9.29 12.69 8.85
N ASP A 13 -9.77 13.34 9.92
CA ASP A 13 -9.01 14.40 10.55
C ASP A 13 -8.43 14.02 11.91
N GLU A 14 -8.82 12.90 12.50
CA GLU A 14 -8.25 12.49 13.76
C GLU A 14 -6.96 11.71 13.53
N PRO A 15 -5.81 12.18 14.02
CA PRO A 15 -4.54 11.55 13.64
C PRO A 15 -4.49 10.05 13.91
N GLN A 16 -4.93 9.63 15.09
CA GLN A 16 -4.86 8.21 15.46
C GLN A 16 -5.59 7.35 14.43
N ILE A 17 -6.80 7.78 14.04
CA ILE A 17 -7.59 7.00 13.09
C ILE A 17 -6.94 7.00 11.72
N LYS A 18 -6.42 8.15 11.28
CA LYS A 18 -5.67 8.19 10.03
C LYS A 18 -4.57 7.14 10.05
N LYS A 19 -3.71 7.18 11.06
CA LYS A 19 -2.60 6.23 11.16
C LYS A 19 -3.11 4.80 11.06
N LEU A 20 -4.15 4.49 11.85
CA LEU A 20 -4.62 3.11 11.91
C LEU A 20 -5.15 2.64 10.55
N LEU A 21 -5.99 3.46 9.91
CA LEU A 21 -6.54 3.05 8.61
C LEU A 21 -5.45 2.93 7.57
N GLU A 22 -4.54 3.90 7.52
CA GLU A 22 -3.40 3.84 6.61
C GLU A 22 -2.65 2.53 6.77
N LYS A 23 -2.19 2.25 7.99
CA LYS A 23 -1.44 1.02 8.24
C LYS A 23 -2.26 -0.20 7.82
N THR A 24 -3.52 -0.27 8.25
CA THR A 24 -4.35 -1.43 7.95
C THR A 24 -4.39 -1.70 6.46
N PHE A 25 -4.74 -0.69 5.67
CA PHE A 25 -4.98 -0.93 4.25
C PHE A 25 -3.71 -0.95 3.42
N LEU A 26 -2.60 -0.44 3.93
CA LEU A 26 -1.32 -0.68 3.27
C LEU A 26 -0.88 -2.12 3.50
N VAL A 27 -0.95 -2.59 4.74
CA VAL A 27 -0.59 -3.98 5.03
C VAL A 27 -1.50 -4.94 4.27
N LEU A 28 -2.70 -4.51 3.90
CA LEU A 28 -3.59 -5.35 3.12
C LEU A 28 -3.29 -5.31 1.63
N GLY A 29 -2.33 -4.50 1.19
CA GLY A 29 -1.96 -4.46 -0.21
C GLY A 29 -2.70 -3.46 -1.05
N TYR A 30 -3.28 -2.43 -0.44
CA TYR A 30 -3.96 -1.37 -1.17
C TYR A 30 -3.07 -0.14 -1.24
N ASP A 31 -3.17 0.57 -2.35
CA ASP A 31 -2.59 1.91 -2.44
C ASP A 31 -3.53 2.83 -1.67
N VAL A 32 -2.96 3.64 -0.78
CA VAL A 32 -3.75 4.45 0.13
C VAL A 32 -3.29 5.91 0.03
N GLU A 33 -4.26 6.81 0.00
CA GLU A 33 -4.01 8.23 0.15
C GLU A 33 -4.86 8.75 1.30
N ILE A 34 -4.34 9.75 2.00
CA ILE A 34 -5.02 10.31 3.17
C ILE A 34 -5.15 11.81 3.02
N VAL A 35 -6.28 12.34 3.48
CA VAL A 35 -6.48 13.78 3.59
C VAL A 35 -7.18 14.05 4.91
N ALA A 36 -6.94 15.24 5.44
CA ALA A 36 -7.55 15.67 6.69
C ALA A 36 -8.64 16.72 6.48
N THR A 37 -8.92 17.11 5.24
CA THR A 37 -9.88 18.16 4.95
C THR A 37 -10.68 17.80 3.70
N ALA A 38 -11.85 18.42 3.58
CA ALA A 38 -12.71 18.18 2.43
C ALA A 38 -12.05 18.67 1.14
N GLY A 39 -11.37 19.81 1.20
CA GLY A 39 -10.73 20.33 0.00
C GLY A 39 -9.65 19.41 -0.53
N ASN A 40 -8.77 18.95 0.36
CA ASN A 40 -7.80 17.94 -0.05
C ASN A 40 -8.49 16.70 -0.58
N ALA A 41 -9.65 16.36 -0.02
CA ALA A 41 -10.39 15.20 -0.50
C ALA A 41 -10.83 15.39 -1.95
N THR A 42 -11.31 16.58 -2.30
CA THR A 42 -11.70 16.83 -3.68
C THR A 42 -10.49 16.82 -4.61
N LYS A 43 -9.42 17.51 -4.20
CA LYS A 43 -8.22 17.55 -5.05
C LYS A 43 -7.70 16.14 -5.32
N LEU A 44 -7.70 15.27 -4.31
CA LEU A 44 -7.22 13.91 -4.52
C LEU A 44 -8.26 13.01 -5.16
N LEU A 45 -9.55 13.30 -5.01
CA LEU A 45 -10.55 12.57 -5.79
C LEU A 45 -10.30 12.79 -7.27
N GLY A 46 -9.93 14.01 -7.66
CA GLY A 46 -9.62 14.28 -9.04
C GLY A 46 -8.28 13.72 -9.48
N GLU A 47 -7.24 13.97 -8.68
CA GLU A 47 -5.87 13.66 -9.11
C GLU A 47 -5.50 12.20 -8.88
N TYR A 48 -5.88 11.66 -7.72
CA TYR A 48 -5.52 10.29 -7.35
C TYR A 48 -6.39 9.25 -8.04
N GLN A 49 -7.61 9.61 -8.40
CA GLN A 49 -8.55 8.71 -9.05
C GLN A 49 -8.69 7.42 -8.25
N PRO A 50 -9.06 7.50 -6.98
CA PRO A 50 -9.10 6.30 -6.13
C PRO A 50 -10.19 5.35 -6.63
N ASP A 51 -10.18 4.15 -6.06
CA ASP A 51 -11.22 3.16 -6.37
C ASP A 51 -12.31 3.12 -5.31
N VAL A 52 -12.06 3.68 -4.13
CA VAL A 52 -13.07 3.80 -3.09
C VAL A 52 -12.63 4.91 -2.15
N VAL A 53 -13.58 5.59 -1.55
CA VAL A 53 -13.32 6.64 -0.58
C VAL A 53 -13.96 6.24 0.74
N ILE A 54 -13.17 6.31 1.81
CA ILE A 54 -13.68 6.20 3.18
C ILE A 54 -13.76 7.62 3.73
N LEU A 55 -14.96 8.04 4.09
CA LEU A 55 -15.25 9.45 4.34
C LEU A 55 -15.72 9.66 5.77
N ASP A 56 -15.02 10.53 6.50
CA ASP A 56 -15.48 11.01 7.80
C ASP A 56 -16.44 12.16 7.58
N LEU A 57 -17.49 12.22 8.40
CA LEU A 57 -18.45 13.31 8.31
C LEU A 57 -18.10 14.49 9.20
N GLY A 58 -17.41 14.24 10.31
CA GLY A 58 -16.96 15.30 11.19
C GLY A 58 -15.66 15.93 10.73
N LEU A 59 -15.68 16.54 9.55
CA LEU A 59 -14.48 17.19 9.02
C LEU A 59 -14.40 18.63 9.51
N PRO A 60 -13.18 19.19 9.58
CA PRO A 60 -13.04 20.54 10.13
C PRO A 60 -13.52 21.64 9.21
N ASP A 61 -13.28 21.52 7.90
CA ASP A 61 -13.53 22.62 6.96
C ASP A 61 -14.89 22.55 6.28
N GLN A 62 -15.52 21.38 6.24
CA GLN A 62 -16.82 21.24 5.59
C GLN A 62 -17.52 20.03 6.21
N ASP A 63 -18.84 20.10 6.26
CA ASP A 63 -19.62 18.94 6.68
C ASP A 63 -19.47 17.84 5.63
N GLY A 64 -18.99 16.67 6.07
CA GLY A 64 -18.78 15.58 5.13
C GLY A 64 -20.01 15.24 4.32
N GLN A 65 -21.20 15.52 4.86
CA GLN A 65 -22.42 15.24 4.12
C GLN A 65 -22.49 16.07 2.84
N GLU A 66 -22.17 17.36 2.93
CA GLU A 66 -22.23 18.23 1.76
C GLU A 66 -21.15 17.86 0.75
N TRP A 67 -19.94 17.56 1.23
CA TRP A 67 -18.88 17.09 0.34
C TRP A 67 -19.31 15.82 -0.38
N LEU A 68 -19.97 14.91 0.35
CA LEU A 68 -20.51 13.71 -0.27
C LEU A 68 -21.49 14.07 -1.38
N LYS A 69 -22.43 14.96 -1.09
CA LYS A 69 -23.44 15.33 -2.08
C LYS A 69 -22.78 15.88 -3.34
N SER A 70 -21.77 16.75 -3.18
CA SER A 70 -21.07 17.31 -4.33
C SER A 70 -20.33 16.23 -5.11
N ALA A 71 -19.41 15.53 -4.42
CA ALA A 71 -18.63 14.47 -5.06
C ALA A 71 -19.55 13.52 -5.83
N ARG A 72 -20.73 13.23 -5.28
CA ARG A 72 -21.67 12.39 -6.01
C ARG A 72 -22.25 13.12 -7.21
N SER A 73 -22.42 14.44 -7.11
CA SER A 73 -22.88 15.18 -8.27
C SER A 73 -21.90 15.07 -9.43
N HIS A 74 -20.61 14.87 -9.15
CA HIS A 74 -19.63 14.78 -10.23
C HIS A 74 -18.99 13.40 -10.43
N SER A 75 -19.33 12.40 -9.61
CA SER A 75 -18.64 11.12 -9.70
C SER A 75 -19.52 10.01 -9.16
N GLU A 76 -19.12 8.77 -9.45
CA GLU A 76 -19.83 7.58 -9.00
C GLU A 76 -18.94 6.63 -8.20
N ILE A 77 -17.70 7.04 -7.91
CA ILE A 77 -16.76 6.22 -7.14
C ILE A 77 -17.41 5.77 -5.84
N PRO A 78 -17.14 4.55 -5.36
CA PRO A 78 -17.71 4.12 -4.08
C PRO A 78 -17.28 5.01 -2.92
N ILE A 79 -18.24 5.38 -2.08
CA ILE A 79 -17.97 6.12 -0.85
C ILE A 79 -18.56 5.35 0.32
N ILE A 80 -17.70 5.00 1.28
CA ILE A 80 -18.10 4.41 2.55
C ILE A 80 -17.93 5.49 3.61
N VAL A 81 -19.03 5.84 4.25
CA VAL A 81 -19.00 6.80 5.35
C VAL A 81 -18.59 6.06 6.62
N VAL A 82 -17.69 6.65 7.39
CA VAL A 82 -17.30 6.13 8.70
C VAL A 82 -17.26 7.34 9.63
N SER A 83 -18.26 7.45 10.50
CA SER A 83 -18.44 8.66 11.30
C SER A 83 -19.00 8.30 12.67
N ALA A 84 -18.60 9.08 13.67
CA ALA A 84 -19.12 8.93 15.02
C ALA A 84 -20.57 9.37 15.16
N ARG A 85 -21.11 10.08 14.16
CA ARG A 85 -22.54 10.38 14.11
C ARG A 85 -23.32 9.07 14.07
N ASN A 86 -24.03 8.72 15.14
CA ASN A 86 -24.69 7.42 15.22
C ASN A 86 -26.20 7.50 15.14
N ASP A 87 -26.79 8.69 15.03
CA ASP A 87 -28.23 8.78 14.90
C ASP A 87 -28.66 8.28 13.51
N THR A 88 -29.73 7.49 13.49
CA THR A 88 -30.22 6.91 12.24
C THR A 88 -30.45 7.99 11.18
N GLU A 89 -30.79 9.21 11.61
CA GLU A 89 -31.08 10.26 10.66
C GLU A 89 -29.85 10.61 9.82
N GLU A 90 -28.68 10.68 10.46
CA GLU A 90 -27.45 10.94 9.71
C GLU A 90 -27.16 9.83 8.72
N VAL A 91 -27.39 8.57 9.12
CA VAL A 91 -27.13 7.44 8.22
C VAL A 91 -28.03 7.52 7.01
N VAL A 92 -29.32 7.81 7.22
CA VAL A 92 -30.25 7.85 6.09
C VAL A 92 -29.93 9.04 5.19
N LYS A 93 -29.60 10.20 5.78
CA LYS A 93 -29.23 11.35 4.96
C LYS A 93 -27.98 11.05 4.12
N ALA A 94 -27.01 10.36 4.70
CA ALA A 94 -25.79 10.04 3.96
C ALA A 94 -26.06 9.04 2.85
N LEU A 95 -26.86 8.00 3.13
CA LEU A 95 -27.19 7.04 2.07
C LEU A 95 -27.96 7.70 0.94
N ASP A 96 -28.94 8.53 1.28
CA ASP A 96 -29.75 9.17 0.25
C ASP A 96 -28.94 10.19 -0.55
N ASN A 97 -27.99 10.86 0.10
CA ASN A 97 -27.11 11.79 -0.61
C ASN A 97 -26.10 11.07 -1.50
N GLY A 98 -26.15 9.74 -1.59
CA GLY A 98 -25.35 8.99 -2.53
C GLY A 98 -24.31 8.06 -1.94
N ALA A 99 -24.10 8.10 -0.62
CA ALA A 99 -23.10 7.22 -0.02
C ALA A 99 -23.44 5.76 -0.30
N ASN A 100 -22.39 4.96 -0.49
CA ASN A 100 -22.57 3.53 -0.73
C ASN A 100 -22.68 2.74 0.56
N ASP A 101 -22.08 3.22 1.65
CA ASP A 101 -22.21 2.51 2.92
C ASP A 101 -21.98 3.49 4.06
N TYR A 102 -22.41 3.07 5.25
CA TYR A 102 -22.24 3.84 6.48
C TYR A 102 -21.81 2.90 7.59
N ILE A 103 -20.73 3.29 8.29
CA ILE A 103 -20.22 2.53 9.43
C ILE A 103 -20.12 3.49 10.61
N LYS A 104 -20.80 3.16 11.70
CA LYS A 104 -20.76 4.01 12.89
C LYS A 104 -19.52 3.71 13.72
N LYS A 105 -18.92 4.75 14.28
CA LYS A 105 -17.83 4.56 15.23
C LYS A 105 -18.40 4.39 16.64
N PRO A 106 -17.83 3.49 17.47
CA PRO A 106 -16.68 2.63 17.20
C PRO A 106 -17.07 1.45 16.34
N PHE A 107 -16.13 0.94 15.56
CA PHE A 107 -16.38 -0.15 14.62
C PHE A 107 -15.32 -1.22 14.84
N ASP A 108 -15.55 -2.38 14.25
CA ASP A 108 -14.55 -3.45 14.23
C ASP A 108 -13.86 -3.41 12.87
N MET A 109 -12.55 -3.20 12.88
CA MET A 109 -11.79 -3.12 11.64
C MET A 109 -12.11 -4.27 10.69
N PRO A 110 -12.37 -5.48 11.15
CA PRO A 110 -12.79 -6.54 10.21
C PRO A 110 -14.06 -6.20 9.44
N GLU A 111 -15.06 -5.60 10.10
CA GLU A 111 -16.27 -5.20 9.38
C GLU A 111 -15.96 -4.13 8.34
N LEU A 112 -15.14 -3.14 8.71
CA LEU A 112 -14.74 -2.13 7.74
C LEU A 112 -14.05 -2.76 6.53
N ILE A 113 -13.12 -3.69 6.78
CA ILE A 113 -12.38 -4.31 5.70
C ILE A 113 -13.31 -5.12 4.80
N ALA A 114 -14.25 -5.85 5.40
CA ALA A 114 -15.18 -6.64 4.62
C ALA A 114 -16.02 -5.73 3.71
N ARG A 115 -16.42 -4.57 4.23
CA ARG A 115 -17.25 -3.68 3.42
C ARG A 115 -16.43 -2.98 2.34
N VAL A 116 -15.18 -2.64 2.63
CA VAL A 116 -14.31 -2.11 1.58
C VAL A 116 -14.16 -3.14 0.46
N LYS A 117 -13.97 -4.41 0.82
CA LYS A 117 -13.83 -5.44 -0.20
C LYS A 117 -15.14 -5.62 -0.97
N ARG A 118 -16.28 -5.53 -0.30
CA ARG A 118 -17.55 -5.64 -0.99
C ARG A 118 -17.71 -4.53 -2.02
N GLN A 119 -17.27 -3.31 -1.69
CA GLN A 119 -17.41 -2.22 -2.63
C GLN A 119 -16.40 -2.34 -3.77
N LEU A 120 -15.17 -2.76 -3.47
CA LEU A 120 -14.13 -2.84 -4.49
C LEU A 120 -14.26 -4.06 -5.40
N ASN A 121 -14.95 -5.10 -4.96
CA ASN A 121 -15.17 -6.31 -5.76
C ASN A 121 -16.65 -6.64 -5.73
N PRO A 122 -17.49 -5.79 -6.31
CA PRO A 122 -18.93 -6.03 -6.29
C PRO A 122 -19.34 -7.23 -7.14
N LEU A 123 -19.58 -8.37 -6.50
CA LEU A 123 -19.99 -9.57 -7.23
C LEU A 123 -21.51 -9.75 -7.20
N MET B 4 18.02 1.10 15.21
CA MET B 4 16.65 0.59 15.51
C MET B 4 15.84 0.52 14.22
N ILE B 5 15.73 1.66 13.53
CA ILE B 5 15.03 1.69 12.24
C ILE B 5 15.88 0.95 11.22
N ARG B 6 15.25 0.07 10.46
CA ARG B 6 15.94 -0.80 9.51
C ARG B 6 15.77 -0.25 8.10
N LYS B 7 16.89 -0.17 7.37
CA LYS B 7 16.87 0.30 6.00
C LYS B 7 16.54 -0.84 5.06
N ILE B 8 15.80 -0.51 4.00
CA ILE B 8 15.33 -1.45 2.99
C ILE B 8 15.60 -0.84 1.64
N LEU B 9 16.17 -1.62 0.73
CA LEU B 9 16.40 -1.21 -0.65
C LEU B 9 15.49 -2.02 -1.55
N ILE B 10 14.65 -1.33 -2.31
CA ILE B 10 13.70 -1.95 -3.23
C ILE B 10 14.24 -1.74 -4.64
N VAL B 11 14.32 -2.82 -5.40
CA VAL B 11 14.81 -2.78 -6.78
C VAL B 11 13.67 -3.26 -7.65
N GLU B 12 12.88 -2.31 -8.18
CA GLU B 12 11.67 -2.62 -8.91
C GLU B 12 11.48 -1.57 -9.99
N ASP B 13 11.04 -1.99 -11.16
CA ASP B 13 10.81 -1.08 -12.28
C ASP B 13 9.33 -0.83 -12.54
N GLU B 14 8.43 -1.59 -11.92
CA GLU B 14 7.00 -1.40 -12.12
C GLU B 14 6.49 -0.32 -11.15
N PRO B 15 6.00 0.81 -11.66
CA PRO B 15 5.70 1.94 -10.75
C PRO B 15 4.70 1.63 -9.64
N GLN B 16 3.56 0.99 -9.95
CA GLN B 16 2.56 0.75 -8.92
C GLN B 16 3.17 -0.02 -7.75
N ILE B 17 3.95 -1.06 -8.05
CA ILE B 17 4.53 -1.88 -7.01
C ILE B 17 5.58 -1.10 -6.22
N LYS B 18 6.39 -0.30 -6.91
CA LYS B 18 7.31 0.60 -6.21
C LYS B 18 6.55 1.45 -5.19
N LYS B 19 5.51 2.13 -5.64
CA LYS B 19 4.71 2.99 -4.77
C LYS B 19 4.19 2.21 -3.57
N LEU B 20 3.57 1.06 -3.80
CA LEU B 20 2.97 0.31 -2.71
C LEU B 20 4.01 -0.15 -1.70
N LEU B 21 5.12 -0.72 -2.18
CA LEU B 21 6.15 -1.22 -1.27
C LEU B 21 6.76 -0.08 -0.45
N GLU B 22 7.11 1.01 -1.13
CA GLU B 22 7.61 2.19 -0.44
C GLU B 22 6.67 2.63 0.66
N LYS B 23 5.40 2.88 0.31
CA LYS B 23 4.42 3.33 1.30
C LYS B 23 4.33 2.35 2.46
N THR B 24 4.12 1.07 2.17
CA THR B 24 3.93 0.07 3.22
C THR B 24 5.11 0.08 4.18
N PHE B 25 6.33 0.01 3.66
CA PHE B 25 7.48 -0.15 4.54
C PHE B 25 7.88 1.16 5.21
N LEU B 26 7.42 2.29 4.68
CA LEU B 26 7.55 3.55 5.41
C LEU B 26 6.61 3.55 6.61
N VAL B 27 5.34 3.18 6.38
CA VAL B 27 4.36 3.16 7.47
C VAL B 27 4.76 2.16 8.55
N LEU B 28 5.53 1.13 8.20
CA LEU B 28 5.95 0.16 9.20
C LEU B 28 7.16 0.60 10.02
N GLY B 29 7.70 1.78 9.75
CA GLY B 29 8.83 2.29 10.52
C GLY B 29 10.19 1.95 9.95
N TYR B 30 10.27 1.65 8.66
CA TYR B 30 11.53 1.38 8.00
C TYR B 30 11.96 2.57 7.15
N ASP B 31 13.27 2.79 7.10
CA ASP B 31 13.86 3.68 6.11
C ASP B 31 13.89 2.94 4.78
N VAL B 32 13.42 3.59 3.71
CA VAL B 32 13.25 2.93 2.43
C VAL B 32 13.95 3.73 1.34
N GLU B 33 14.66 3.02 0.45
CA GLU B 33 15.17 3.56 -0.80
C GLU B 33 14.67 2.68 -1.92
N ILE B 34 14.37 3.27 -3.07
CA ILE B 34 13.92 2.50 -4.24
C ILE B 34 14.75 2.89 -5.45
N VAL B 35 15.02 1.90 -6.30
CA VAL B 35 15.68 2.09 -7.58
C VAL B 35 14.96 1.24 -8.61
N ALA B 36 15.05 1.66 -9.87
CA ALA B 36 14.39 0.96 -10.96
C ALA B 36 15.36 0.17 -11.84
N THR B 37 16.66 0.17 -11.51
CA THR B 37 17.65 -0.49 -12.35
C THR B 37 18.68 -1.20 -11.48
N ALA B 38 19.34 -2.20 -12.08
CA ALA B 38 20.35 -2.96 -11.36
C ALA B 38 21.58 -2.11 -11.04
N GLY B 39 21.98 -1.22 -11.96
CA GLY B 39 23.13 -0.38 -11.70
C GLY B 39 22.90 0.55 -10.52
N ASN B 40 21.76 1.24 -10.51
CA ASN B 40 21.39 2.03 -9.35
C ASN B 40 21.32 1.18 -8.10
N ALA B 41 20.88 -0.08 -8.25
CA ALA B 41 20.82 -0.98 -7.10
C ALA B 41 22.22 -1.24 -6.53
N THR B 42 23.21 -1.42 -7.40
CA THR B 42 24.57 -1.62 -6.93
C THR B 42 25.10 -0.36 -6.27
N LYS B 43 24.90 0.80 -6.92
CA LYS B 43 25.40 2.05 -6.35
C LYS B 43 24.80 2.30 -4.98
N LEU B 44 23.51 2.03 -4.80
CA LEU B 44 22.87 2.25 -3.51
C LEU B 44 23.15 1.13 -2.52
N LEU B 45 23.44 -0.08 -2.99
CA LEU B 45 23.96 -1.10 -2.10
C LEU B 45 25.26 -0.63 -1.46
N GLY B 46 26.08 0.07 -2.24
CA GLY B 46 27.32 0.61 -1.70
C GLY B 46 27.10 1.84 -0.82
N GLU B 47 26.32 2.80 -1.32
CA GLU B 47 26.19 4.09 -0.64
C GLU B 47 25.15 4.05 0.47
N TYR B 48 24.02 3.38 0.25
CA TYR B 48 22.94 3.34 1.22
C TYR B 48 23.21 2.36 2.35
N GLN B 49 24.01 1.32 2.09
CA GLN B 49 24.35 0.31 3.08
C GLN B 49 23.07 -0.26 3.71
N PRO B 50 22.17 -0.80 2.90
CA PRO B 50 20.86 -1.23 3.42
C PRO B 50 20.97 -2.43 4.35
N ASP B 51 19.83 -2.73 4.99
CA ASP B 51 19.73 -3.91 5.85
C ASP B 51 19.05 -5.09 5.17
N VAL B 52 18.30 -4.85 4.09
CA VAL B 52 17.69 -5.93 3.31
C VAL B 52 17.38 -5.37 1.93
N VAL B 53 17.41 -6.25 0.94
CA VAL B 53 17.10 -5.88 -0.44
C VAL B 53 15.90 -6.69 -0.92
N ILE B 54 14.91 -6.00 -1.49
CA ILE B 54 13.81 -6.62 -2.20
C ILE B 54 14.10 -6.47 -3.70
N LEU B 55 14.21 -7.59 -4.40
CA LEU B 55 14.76 -7.59 -5.76
C LEU B 55 13.74 -8.12 -6.76
N ASP B 56 13.44 -7.32 -7.78
CA ASP B 56 12.69 -7.78 -8.94
C ASP B 56 13.64 -8.44 -9.92
N LEU B 57 13.19 -9.53 -10.55
CA LEU B 57 14.02 -10.21 -11.53
C LEU B 57 13.80 -9.72 -12.94
N GLY B 58 12.60 -9.23 -13.25
CA GLY B 58 12.34 -8.66 -14.55
C GLY B 58 12.78 -7.22 -14.62
N LEU B 59 14.08 -6.98 -14.46
CA LEU B 59 14.59 -5.61 -14.50
C LEU B 59 14.89 -5.20 -15.94
N PRO B 60 14.85 -3.89 -16.21
CA PRO B 60 15.03 -3.45 -17.61
C PRO B 60 16.46 -3.55 -18.09
N ASP B 61 17.45 -3.25 -17.26
CA ASP B 61 18.83 -3.14 -17.72
C ASP B 61 19.64 -4.42 -17.53
N GLN B 62 19.23 -5.31 -16.63
CA GLN B 62 19.98 -6.53 -16.35
C GLN B 62 19.04 -7.58 -15.83
N ASP B 63 19.37 -8.84 -16.11
CA ASP B 63 18.62 -9.94 -15.53
C ASP B 63 18.85 -9.96 -14.02
N GLY B 64 17.76 -9.89 -13.25
CA GLY B 64 17.89 -9.87 -11.81
C GLY B 64 18.70 -11.02 -11.26
N GLN B 65 18.71 -12.16 -11.96
CA GLN B 65 19.48 -13.32 -11.52
C GLN B 65 20.96 -13.00 -11.50
N GLU B 66 21.46 -12.35 -12.56
CA GLU B 66 22.89 -12.06 -12.65
C GLU B 66 23.29 -10.99 -11.64
N TRP B 67 22.47 -9.95 -11.48
CA TRP B 67 22.74 -8.97 -10.43
C TRP B 67 22.76 -9.63 -9.07
N LEU B 68 21.83 -10.57 -8.83
CA LEU B 68 21.84 -11.32 -7.59
C LEU B 68 23.16 -12.03 -7.39
N LYS B 69 23.61 -12.74 -8.43
CA LYS B 69 24.87 -13.48 -8.35
C LYS B 69 26.04 -12.56 -8.00
N SER B 70 26.10 -11.39 -8.65
CA SER B 70 27.17 -10.44 -8.35
C SER B 70 27.08 -9.92 -6.92
N ALA B 71 25.94 -9.32 -6.57
CA ALA B 71 25.74 -8.81 -5.22
C ALA B 71 26.09 -9.85 -4.18
N ARG B 72 25.81 -11.13 -4.45
CA ARG B 72 26.18 -12.18 -3.51
C ARG B 72 27.69 -12.39 -3.50
N SER B 73 28.34 -12.23 -4.65
CA SER B 73 29.80 -12.33 -4.65
C SER B 73 30.43 -11.23 -3.79
N HIS B 74 29.74 -10.10 -3.62
CA HIS B 74 30.30 -8.99 -2.87
C HIS B 74 29.62 -8.70 -1.53
N SER B 75 28.56 -9.41 -1.17
CA SER B 75 27.82 -9.08 0.04
C SER B 75 27.07 -10.31 0.53
N GLU B 76 26.60 -10.24 1.78
CA GLU B 76 25.82 -11.30 2.41
C GLU B 76 24.48 -10.79 2.91
N ILE B 77 24.14 -9.53 2.63
CA ILE B 77 22.88 -8.92 3.08
C ILE B 77 21.70 -9.78 2.66
N PRO B 78 20.65 -9.89 3.47
CA PRO B 78 19.49 -10.67 3.05
C PRO B 78 18.85 -10.07 1.80
N ILE B 79 18.55 -10.95 0.84
CA ILE B 79 17.86 -10.57 -0.39
C ILE B 79 16.62 -11.44 -0.53
N ILE B 80 15.46 -10.79 -0.62
CA ILE B 80 14.21 -11.45 -0.93
C ILE B 80 13.86 -11.10 -2.38
N VAL B 81 13.79 -12.10 -3.23
CA VAL B 81 13.39 -11.90 -4.61
C VAL B 81 11.87 -11.84 -4.69
N VAL B 82 11.35 -10.88 -5.44
CA VAL B 82 9.92 -10.75 -5.70
C VAL B 82 9.76 -10.51 -7.19
N SER B 83 9.30 -11.52 -7.91
CA SER B 83 9.29 -11.48 -9.36
C SER B 83 8.07 -12.22 -9.89
N ALA B 84 7.53 -11.74 -11.00
CA ALA B 84 6.45 -12.44 -11.66
C ALA B 84 6.90 -13.74 -12.30
N ARG B 85 8.22 -13.93 -12.45
CA ARG B 85 8.77 -15.22 -12.85
C ARG B 85 8.37 -16.26 -11.82
N ASN B 86 7.45 -17.14 -12.19
CA ASN B 86 6.87 -18.12 -11.28
C ASN B 86 7.31 -19.55 -11.59
N ASP B 87 8.17 -19.74 -12.59
CA ASP B 87 8.65 -21.07 -12.94
C ASP B 87 9.58 -21.59 -11.84
N THR B 88 9.38 -22.86 -11.47
CA THR B 88 10.18 -23.44 -10.40
C THR B 88 11.67 -23.32 -10.67
N GLU B 89 12.08 -23.35 -11.94
CA GLU B 89 13.51 -23.24 -12.25
C GLU B 89 14.03 -21.86 -11.88
N GLU B 90 13.22 -20.82 -12.10
CA GLU B 90 13.64 -19.47 -11.70
C GLU B 90 13.83 -19.39 -10.19
N VAL B 91 12.91 -19.99 -9.43
CA VAL B 91 13.01 -19.98 -7.98
C VAL B 91 14.25 -20.72 -7.51
N VAL B 92 14.51 -21.88 -8.11
CA VAL B 92 15.66 -22.69 -7.70
C VAL B 92 16.96 -21.98 -8.05
N LYS B 93 17.03 -21.37 -9.24
CA LYS B 93 18.23 -20.62 -9.60
C LYS B 93 18.44 -19.44 -8.65
N ALA B 94 17.36 -18.76 -8.25
CA ALA B 94 17.51 -17.62 -7.37
C ALA B 94 17.97 -18.04 -5.98
N LEU B 95 17.40 -19.11 -5.43
CA LEU B 95 17.86 -19.60 -4.14
C LEU B 95 19.31 -20.09 -4.22
N ASP B 96 19.65 -20.82 -5.28
CA ASP B 96 21.00 -21.35 -5.42
C ASP B 96 22.01 -20.23 -5.65
N ASN B 97 21.62 -19.17 -6.36
CA ASN B 97 22.51 -18.03 -6.54
C ASN B 97 22.71 -17.24 -5.26
N GLY B 98 22.10 -17.67 -4.14
CA GLY B 98 22.35 -17.08 -2.84
C GLY B 98 21.18 -16.35 -2.22
N ALA B 99 20.08 -16.19 -2.95
CA ALA B 99 18.95 -15.44 -2.43
C ALA B 99 18.46 -16.03 -1.12
N ASN B 100 17.97 -15.15 -0.24
CA ASN B 100 17.44 -15.59 1.05
C ASN B 100 15.99 -16.03 0.94
N ASP B 101 15.23 -15.47 0.01
CA ASP B 101 13.84 -15.89 -0.17
C ASP B 101 13.36 -15.53 -1.56
N TYR B 102 12.25 -16.15 -1.95
CA TYR B 102 11.60 -15.91 -3.23
C TYR B 102 10.11 -15.81 -3.00
N ILE B 103 9.51 -14.73 -3.51
CA ILE B 103 8.07 -14.49 -3.43
C ILE B 103 7.58 -14.25 -4.85
N LYS B 104 6.59 -15.03 -5.28
CA LYS B 104 6.05 -14.88 -6.62
C LYS B 104 5.04 -13.75 -6.64
N LYS B 105 5.07 -12.96 -7.71
CA LYS B 105 4.05 -11.93 -7.92
C LYS B 105 2.88 -12.53 -8.68
N PRO B 106 1.62 -12.21 -8.33
CA PRO B 106 1.17 -11.28 -7.29
C PRO B 106 1.29 -11.91 -5.90
N PHE B 107 1.46 -11.08 -4.86
CA PHE B 107 1.72 -11.55 -3.52
C PHE B 107 0.75 -10.89 -2.54
N ASP B 108 0.72 -11.42 -1.32
CA ASP B 108 -0.04 -10.84 -0.23
C ASP B 108 0.89 -10.01 0.66
N MET B 109 0.63 -8.72 0.74
CA MET B 109 1.49 -7.82 1.50
C MET B 109 1.77 -8.31 2.91
N PRO B 110 0.82 -8.93 3.64
CA PRO B 110 1.17 -9.47 4.96
C PRO B 110 2.26 -10.52 4.90
N GLU B 111 2.21 -11.43 3.92
CA GLU B 111 3.25 -12.43 3.80
C GLU B 111 4.60 -11.81 3.47
N LEU B 112 4.61 -10.85 2.53
CA LEU B 112 5.86 -10.16 2.23
C LEU B 112 6.44 -9.52 3.48
N ILE B 113 5.60 -8.84 4.26
CA ILE B 113 6.07 -8.16 5.46
C ILE B 113 6.60 -9.19 6.46
N ALA B 114 5.90 -10.31 6.61
CA ALA B 114 6.35 -11.34 7.54
C ALA B 114 7.71 -11.88 7.16
N ARG B 115 7.95 -12.08 5.85
CA ARG B 115 9.23 -12.62 5.43
C ARG B 115 10.33 -11.58 5.55
N VAL B 116 10.02 -10.32 5.26
CA VAL B 116 10.98 -9.24 5.51
C VAL B 116 11.35 -9.19 6.98
N LYS B 117 10.36 -9.35 7.86
CA LYS B 117 10.62 -9.33 9.30
C LYS B 117 11.47 -10.53 9.71
N ARG B 118 11.21 -11.69 9.11
CA ARG B 118 12.03 -12.86 9.40
C ARG B 118 13.48 -12.66 8.99
N GLN B 119 13.70 -11.99 7.85
CA GLN B 119 15.06 -11.77 7.39
C GLN B 119 15.77 -10.70 8.20
N LEU B 120 15.04 -9.65 8.60
CA LEU B 120 15.63 -8.55 9.35
C LEU B 120 15.92 -8.94 10.80
N ASN B 121 15.39 -10.07 11.27
CA ASN B 121 15.60 -10.55 12.63
C ASN B 121 16.15 -11.97 12.57
N PRO B 122 17.44 -12.12 12.23
CA PRO B 122 18.04 -13.44 12.05
C PRO B 122 18.04 -14.28 13.33
BE BEF C . -15.99 11.89 11.83
F1 BEF C . -17.42 12.46 12.03
F2 BEF C . -14.98 12.85 12.54
F3 BEF C . -16.00 10.59 12.64
MG MG D . -13.80 14.29 12.89
BE BEF E . 10.17 -8.37 -12.20
F1 BEF E . 9.73 -9.65 -12.95
F2 BEF E . 9.23 -8.21 -10.97
F3 BEF E . 9.83 -7.22 -13.16
MG MG F . 9.42 -5.74 -14.30
#